data_2DWP
#
_entry.id   2DWP
#
_cell.length_a   101.990
_cell.length_b   101.990
_cell.length_c   258.070
_cell.angle_alpha   90.00
_cell.angle_beta   90.00
_cell.angle_gamma   120.00
#
_symmetry.space_group_name_H-M   'P 65 2 2'
#
loop_
_entity.id
_entity.type
_entity.pdbx_description
1 polymer '6-phosphofructo-2-kinase/fructose-2,6-biphosphatase 3'
2 non-polymer 6-O-phosphono-beta-D-fructofuranose
3 non-polymer 'MAGNESIUM ION'
4 non-polymer 'PHOSPHOMETHYLPHOSPHONIC ACID ADENYLATE ESTER'
5 water water
#
_entity_poly.entity_id   1
_entity_poly.type   'polypeptide(L)'
_entity_poly.pdbx_seq_one_letter_code
;MPLELTQSRVQKIWVPVDHRPSLPRSCGPKLTNSPTVIVMVGLPARGKTYISKKLTRYLNWIGVPTKVFNVGEYRREAVK
QYSSYNFFRPDNEEAMKVRKQCALAALRDVKSYLAKEGGQIAVFDATNTTRERRHMILHFAKENDFKAFFIESVCDDPTV
VASNIMEVKISSPDYKDCNSAEAMDDFMKRISCYEASYQPLDPDKCDRDLSLIKVIDVGRRFLVNRVQDHIQSRIVYYLM
NIHVQPRTIYLCRHGENEHNLQGRIGGDSGLSSRGKKFASALSKFVEEQNLKDLRVWTSQLKSTIQTAEALRLPYEQWKA
LNEIDAGVCEELTYEEIRDTYPEEYALREQDKYYYRYPTGESYQDLVQRLEPVIMELERQENVLVICHQAVLRCLLAYFL
DKSAEEMPYLKCPLHTVLKLTPVAYGCRVESIYLNVESVCTHRERSEDAKKGPNPLMRRNSVTPLASPEPTKKPRINSFE
EHVASTSAALPSCLPPEVPTQLPGQNMKGSRSSADSSRKH
;
_entity_poly.pdbx_strand_id   A
#
loop_
_chem_comp.id
_chem_comp.type
_chem_comp.name
_chem_comp.formula
ACP non-polymer 'PHOSPHOMETHYLPHOSPHONIC ACID ADENYLATE ESTER' 'C11 H18 N5 O12 P3'
F6P D-saccharide, beta linking 6-O-phosphono-beta-D-fructofuranose 'C6 H13 O9 P'
MG non-polymer 'MAGNESIUM ION' 'Mg 2'
#
# COMPACT_ATOMS: atom_id res chain seq x y z
N GLU A 4 2.77 -7.71 -39.15
CA GLU A 4 4.00 -8.48 -38.78
C GLU A 4 4.45 -8.19 -37.35
N LEU A 5 4.01 -9.04 -36.42
CA LEU A 5 4.36 -8.90 -35.01
C LEU A 5 4.96 -10.19 -34.46
N THR A 6 5.58 -10.09 -33.29
CA THR A 6 6.18 -11.26 -32.64
C THR A 6 5.76 -11.21 -31.17
N GLN A 7 5.42 -12.35 -30.60
CA GLN A 7 4.99 -12.39 -29.21
C GLN A 7 6.15 -12.57 -28.22
N SER A 8 6.28 -11.63 -27.30
CA SER A 8 7.33 -11.68 -26.29
C SER A 8 7.23 -13.01 -25.55
N ARG A 9 8.38 -13.59 -25.21
CA ARG A 9 8.39 -14.89 -24.52
C ARG A 9 7.94 -14.89 -23.07
N VAL A 10 8.29 -13.85 -22.33
CA VAL A 10 7.92 -13.80 -20.91
C VAL A 10 6.49 -13.32 -20.70
N GLN A 11 6.23 -12.06 -21.05
CA GLN A 11 4.91 -11.46 -20.86
C GLN A 11 3.86 -11.84 -21.92
N LYS A 12 4.26 -12.62 -22.91
CA LYS A 12 3.34 -13.05 -23.96
C LYS A 12 2.61 -11.88 -24.63
N ILE A 13 3.32 -10.76 -24.81
CA ILE A 13 2.74 -9.58 -25.45
C ILE A 13 3.21 -9.42 -26.89
N TRP A 14 2.28 -9.12 -27.80
CA TRP A 14 2.63 -8.94 -29.21
C TRP A 14 3.21 -7.55 -29.47
N VAL A 15 4.41 -7.52 -30.01
CA VAL A 15 5.09 -6.27 -30.31
C VAL A 15 5.53 -6.24 -31.77
N PRO A 16 5.49 -5.06 -32.39
CA PRO A 16 5.89 -4.94 -33.81
C PRO A 16 7.36 -5.28 -33.98
N VAL A 17 7.67 -6.23 -34.86
CA VAL A 17 9.06 -6.62 -35.08
C VAL A 17 9.86 -5.44 -35.60
N ASP A 18 11.08 -5.31 -35.09
CA ASP A 18 11.98 -4.22 -35.47
C ASP A 18 12.76 -4.64 -36.71
N HIS A 19 13.56 -5.69 -36.54
CA HIS A 19 14.40 -6.20 -37.61
C HIS A 19 14.83 -5.14 -38.58
N ARG A 20 15.94 -4.55 -38.18
CA ARG A 20 16.61 -3.46 -38.86
C ARG A 20 18.06 -3.59 -38.41
N ASN A 33 3.10 11.28 -20.79
CA ASN A 33 2.48 11.14 -19.48
C ASN A 33 3.28 11.89 -18.40
N SER A 34 3.28 13.21 -18.51
CA SER A 34 4.00 14.07 -17.56
C SER A 34 3.93 13.62 -16.10
N PRO A 35 5.10 13.54 -15.43
CA PRO A 35 5.24 13.13 -14.04
C PRO A 35 4.56 14.12 -13.10
N THR A 36 4.15 13.65 -11.94
CA THR A 36 3.44 14.50 -11.00
C THR A 36 4.10 14.65 -9.63
N VAL A 37 3.99 15.85 -9.08
CA VAL A 37 4.52 16.16 -7.77
C VAL A 37 3.32 16.38 -6.84
N ILE A 38 3.11 15.46 -5.91
CA ILE A 38 2.01 15.59 -4.97
C ILE A 38 2.55 16.44 -3.82
N VAL A 39 1.83 17.50 -3.49
CA VAL A 39 2.26 18.39 -2.43
C VAL A 39 1.38 18.24 -1.20
N MET A 40 1.95 17.78 -0.10
CA MET A 40 1.20 17.62 1.13
C MET A 40 1.12 19.00 1.80
N VAL A 41 -0.02 19.31 2.39
CA VAL A 41 -0.20 20.60 3.04
C VAL A 41 -0.95 20.44 4.35
N GLY A 42 -0.47 21.10 5.41
CA GLY A 42 -1.12 21.02 6.70
C GLY A 42 -0.21 21.13 7.90
N LEU A 43 -0.78 21.53 9.04
CA LEU A 43 -0.04 21.67 10.28
C LEU A 43 0.45 20.29 10.73
N PRO A 44 1.44 20.23 11.62
CA PRO A 44 1.92 18.93 12.09
C PRO A 44 0.84 18.13 12.82
N ALA A 45 1.04 16.82 12.91
CA ALA A 45 0.09 15.90 13.54
C ALA A 45 -1.25 15.92 12.82
N ARG A 46 -1.21 15.97 11.49
CA ARG A 46 -2.41 15.99 10.67
C ARG A 46 -2.46 14.81 9.69
N GLY A 47 -1.55 13.86 9.87
CA GLY A 47 -1.52 12.69 9.01
C GLY A 47 -0.88 12.88 7.65
N LYS A 48 -0.12 13.94 7.46
CA LYS A 48 0.51 14.16 6.17
C LYS A 48 1.42 13.00 5.77
N THR A 49 2.25 12.54 6.70
CA THR A 49 3.16 11.44 6.37
C THR A 49 2.41 10.11 6.27
N TYR A 50 1.42 9.93 7.12
CA TYR A 50 0.61 8.73 7.10
C TYR A 50 0.08 8.59 5.67
N ILE A 51 -0.63 9.61 5.24
CA ILE A 51 -1.21 9.65 3.91
C ILE A 51 -0.14 9.44 2.84
N SER A 52 0.97 10.15 2.96
CA SER A 52 2.04 10.03 1.98
C SER A 52 2.49 8.59 1.80
N LYS A 53 2.81 7.92 2.91
CA LYS A 53 3.25 6.52 2.83
C LYS A 53 2.21 5.59 2.23
N LYS A 54 0.98 5.67 2.74
CA LYS A 54 -0.09 4.80 2.26
C LYS A 54 -0.37 5.01 0.78
N LEU A 55 -0.41 6.28 0.39
CA LEU A 55 -0.66 6.67 -0.99
C LEU A 55 0.39 5.98 -1.86
N THR A 56 1.65 6.18 -1.45
CA THR A 56 2.80 5.62 -2.16
C THR A 56 2.76 4.10 -2.22
N ARG A 57 2.45 3.47 -1.10
CA ARG A 57 2.36 2.02 -1.00
C ARG A 57 1.39 1.52 -2.06
N TYR A 58 0.24 2.16 -2.14
CA TYR A 58 -0.78 1.79 -3.09
C TYR A 58 -0.31 1.97 -4.54
N LEU A 59 0.06 3.20 -4.90
CA LEU A 59 0.51 3.51 -6.25
C LEU A 59 1.61 2.59 -6.77
N ASN A 60 2.61 2.33 -5.94
CA ASN A 60 3.67 1.45 -6.37
C ASN A 60 3.11 0.07 -6.60
N TRP A 61 2.15 -0.32 -5.77
CA TRP A 61 1.56 -1.65 -5.89
C TRP A 61 0.84 -1.82 -7.23
N ILE A 62 0.01 -0.85 -7.61
CA ILE A 62 -0.70 -0.95 -8.89
C ILE A 62 0.20 -0.63 -10.07
N GLY A 63 1.50 -0.51 -9.83
CA GLY A 63 2.43 -0.24 -10.93
C GLY A 63 2.90 1.18 -11.21
N VAL A 64 2.44 2.16 -10.43
CA VAL A 64 2.87 3.54 -10.65
C VAL A 64 4.04 3.85 -9.72
N PRO A 65 5.27 3.90 -10.25
CA PRO A 65 6.46 4.19 -9.44
C PRO A 65 6.35 5.51 -8.67
N THR A 66 6.19 5.39 -7.36
CA THR A 66 6.07 6.55 -6.49
C THR A 66 7.12 6.52 -5.39
N LYS A 67 7.51 7.69 -4.92
CA LYS A 67 8.50 7.78 -3.86
C LYS A 67 8.15 8.96 -2.96
N VAL A 68 8.36 8.81 -1.66
CA VAL A 68 8.07 9.87 -0.72
C VAL A 68 9.33 10.67 -0.42
N PHE A 69 9.19 11.99 -0.37
CA PHE A 69 10.30 12.87 -0.05
C PHE A 69 9.89 13.66 1.18
N ASN A 70 10.21 13.09 2.33
CA ASN A 70 9.91 13.67 3.63
C ASN A 70 10.96 14.72 3.97
N VAL A 71 10.57 16.00 3.95
CA VAL A 71 11.53 17.05 4.22
C VAL A 71 12.02 16.96 5.67
N GLY A 72 11.27 16.25 6.49
CA GLY A 72 11.66 16.07 7.88
C GLY A 72 12.96 15.28 7.97
N GLU A 73 13.09 14.22 7.18
CA GLU A 73 14.29 13.39 7.20
C GLU A 73 15.51 14.15 6.69
N TYR A 74 15.30 15.01 5.71
CA TYR A 74 16.40 15.79 5.18
C TYR A 74 16.95 16.65 6.31
N ARG A 75 16.03 17.15 7.14
CA ARG A 75 16.34 17.98 8.28
C ARG A 75 17.07 17.16 9.34
N ARG A 76 16.49 16.01 9.71
CA ARG A 76 17.11 15.13 10.68
C ARG A 76 18.49 14.67 10.22
N GLU A 77 18.75 14.80 8.92
CA GLU A 77 20.01 14.38 8.34
C GLU A 77 21.07 15.46 8.53
N ALA A 78 20.70 16.70 8.19
CA ALA A 78 21.59 17.84 8.27
C ALA A 78 21.91 18.29 9.69
N VAL A 79 20.90 18.32 10.55
CA VAL A 79 21.12 18.76 11.92
C VAL A 79 21.31 17.62 12.92
N LYS A 80 22.33 16.80 12.70
CA LYS A 80 22.63 15.67 13.58
C LYS A 80 21.53 15.20 14.59
N GLN A 81 21.55 15.68 15.84
CA GLN A 81 20.63 15.25 16.88
C GLN A 81 19.62 16.29 17.34
N TYR A 82 18.39 15.85 17.62
CA TYR A 82 17.35 16.79 17.96
C TYR A 82 17.35 17.71 19.21
N SER A 83 17.03 19.00 19.01
CA SER A 83 16.94 20.09 20.00
C SER A 83 15.59 20.21 20.78
N SER A 84 14.70 21.02 20.21
CA SER A 84 13.40 21.30 20.79
C SER A 84 12.65 22.13 19.79
N TYR A 85 11.46 22.58 20.19
CA TYR A 85 10.62 23.40 19.32
C TYR A 85 11.29 24.72 18.88
N ASN A 86 12.33 25.15 19.60
CA ASN A 86 13.02 26.39 19.25
C ASN A 86 13.54 26.35 17.84
N PHE A 87 13.79 25.14 17.34
CA PHE A 87 14.30 24.98 15.99
C PHE A 87 13.29 25.46 14.96
N PHE A 88 12.01 25.28 15.27
CA PHE A 88 10.94 25.68 14.36
C PHE A 88 10.31 27.05 14.63
N ARG A 89 11.05 27.94 15.28
CA ARG A 89 10.53 29.28 15.57
C ARG A 89 10.71 30.17 14.35
N PRO A 90 9.68 30.92 13.97
CA PRO A 90 9.79 31.80 12.81
C PRO A 90 10.93 32.82 12.91
N ASP A 91 11.28 33.20 14.14
CA ASP A 91 12.35 34.16 14.37
C ASP A 91 13.73 33.49 14.37
N ASN A 92 13.73 32.17 14.21
CA ASN A 92 14.99 31.41 14.19
C ASN A 92 15.60 31.51 12.81
N GLU A 93 16.24 32.65 12.55
CA GLU A 93 16.86 32.95 11.27
C GLU A 93 17.70 31.82 10.67
N GLU A 94 18.51 31.18 11.49
CA GLU A 94 19.38 30.10 11.00
C GLU A 94 18.60 28.83 10.66
N ALA A 95 17.69 28.43 11.55
CA ALA A 95 16.90 27.23 11.31
C ALA A 95 16.11 27.42 10.02
N MET A 96 15.51 28.59 9.85
CA MET A 96 14.74 28.87 8.65
C MET A 96 15.64 28.65 7.44
N LYS A 97 16.89 29.06 7.54
CA LYS A 97 17.83 28.89 6.44
C LYS A 97 18.05 27.41 6.15
N VAL A 98 18.25 26.63 7.20
CA VAL A 98 18.48 25.21 7.08
C VAL A 98 17.23 24.49 6.56
N ARG A 99 16.08 24.88 7.09
CA ARG A 99 14.82 24.27 6.68
C ARG A 99 14.56 24.50 5.20
N LYS A 100 14.87 25.70 4.73
CA LYS A 100 14.68 26.04 3.31
C LYS A 100 15.64 25.24 2.45
N GLN A 101 16.86 25.05 2.95
CA GLN A 101 17.85 24.30 2.20
C GLN A 101 17.46 22.82 2.15
N CYS A 102 16.69 22.38 3.15
CA CYS A 102 16.21 21.00 3.20
C CYS A 102 15.14 20.80 2.14
N ALA A 103 14.19 21.74 2.09
CA ALA A 103 13.11 21.70 1.13
C ALA A 103 13.65 21.76 -0.30
N LEU A 104 14.67 22.59 -0.51
CA LEU A 104 15.28 22.74 -1.82
C LEU A 104 16.13 21.52 -2.19
N ALA A 105 16.71 20.87 -1.18
CA ALA A 105 17.51 19.68 -1.46
C ALA A 105 16.58 18.54 -1.85
N ALA A 106 15.42 18.48 -1.20
CA ALA A 106 14.43 17.45 -1.47
C ALA A 106 13.85 17.62 -2.88
N LEU A 107 13.60 18.87 -3.29
CA LEU A 107 13.08 19.12 -4.62
C LEU A 107 14.15 18.75 -5.63
N ARG A 108 15.40 18.85 -5.22
CA ARG A 108 16.53 18.50 -6.06
C ARG A 108 16.40 17.01 -6.33
N ASP A 109 16.28 16.23 -5.27
CA ASP A 109 16.13 14.79 -5.38
C ASP A 109 14.87 14.38 -6.12
N VAL A 110 13.86 15.26 -6.09
CA VAL A 110 12.61 15.01 -6.78
C VAL A 110 12.86 15.10 -8.27
N LYS A 111 13.61 16.12 -8.68
CA LYS A 111 13.94 16.33 -10.08
C LYS A 111 14.69 15.14 -10.63
N SER A 112 15.57 14.58 -9.81
CA SER A 112 16.35 13.44 -10.25
C SER A 112 15.49 12.19 -10.36
N TYR A 113 14.42 12.14 -9.57
CA TYR A 113 13.52 10.99 -9.57
C TYR A 113 12.56 10.99 -10.76
N LEU A 114 11.79 12.06 -10.88
CA LEU A 114 10.83 12.21 -11.95
C LEU A 114 11.41 12.35 -13.34
N ALA A 115 12.61 12.95 -13.44
CA ALA A 115 13.20 13.15 -14.75
C ALA A 115 14.37 12.24 -15.10
N LYS A 116 15.11 11.79 -14.10
CA LYS A 116 16.26 10.94 -14.39
C LYS A 116 16.18 9.50 -13.87
N GLU A 117 15.27 9.23 -12.93
CA GLU A 117 15.19 7.89 -12.37
C GLU A 117 13.99 7.04 -12.76
N GLY A 118 13.18 7.52 -13.69
CA GLY A 118 12.03 6.75 -14.13
C GLY A 118 10.83 6.82 -13.20
N GLY A 119 10.87 7.71 -12.21
CA GLY A 119 9.75 7.83 -11.30
C GLY A 119 8.59 8.56 -11.95
N GLN A 120 7.38 8.32 -11.48
CA GLN A 120 6.20 8.96 -12.06
C GLN A 120 5.54 9.96 -11.10
N ILE A 121 5.45 9.58 -9.82
CA ILE A 121 4.85 10.45 -8.82
C ILE A 121 5.86 10.69 -7.69
N ALA A 122 5.95 11.93 -7.25
CA ALA A 122 6.86 12.28 -6.16
C ALA A 122 6.02 12.99 -5.11
N VAL A 123 5.93 12.41 -3.92
CA VAL A 123 5.15 13.02 -2.85
C VAL A 123 6.06 13.89 -1.98
N PHE A 124 5.80 15.19 -2.00
CA PHE A 124 6.57 16.15 -1.22
C PHE A 124 5.92 16.26 0.17
N ASP A 125 6.43 15.49 1.13
CA ASP A 125 5.89 15.48 2.48
C ASP A 125 6.46 16.55 3.40
N ALA A 126 5.69 17.63 3.52
CA ALA A 126 6.05 18.79 4.32
C ALA A 126 4.80 19.53 4.73
N THR A 127 4.93 20.49 5.64
CA THR A 127 3.77 21.25 6.08
C THR A 127 3.31 22.14 4.94
N ASN A 128 4.24 22.76 4.23
CA ASN A 128 3.90 23.65 3.12
C ASN A 128 2.67 24.49 3.48
N THR A 129 2.68 25.06 4.68
CA THR A 129 1.57 25.84 5.19
C THR A 129 1.47 27.31 4.74
N THR A 130 2.36 27.75 3.88
CA THR A 130 2.33 29.13 3.44
C THR A 130 2.18 29.23 1.92
N ARG A 131 1.53 30.28 1.44
CA ARG A 131 1.36 30.45 0.00
C ARG A 131 2.72 30.60 -0.65
N GLU A 132 3.62 31.32 0.03
CA GLU A 132 4.98 31.53 -0.46
C GLU A 132 5.65 30.21 -0.81
N ARG A 133 5.72 29.30 0.18
CA ARG A 133 6.35 27.99 -0.04
C ARG A 133 5.69 27.28 -1.21
N ARG A 134 4.36 27.28 -1.23
CA ARG A 134 3.64 26.62 -2.30
C ARG A 134 3.99 27.22 -3.66
N HIS A 135 3.94 28.55 -3.77
CA HIS A 135 4.28 29.19 -5.03
C HIS A 135 5.65 28.75 -5.49
N MET A 136 6.57 28.57 -4.55
CA MET A 136 7.92 28.15 -4.90
C MET A 136 7.89 26.78 -5.56
N ILE A 137 7.11 25.86 -5.00
CA ILE A 137 7.00 24.52 -5.55
C ILE A 137 6.35 24.58 -6.92
N LEU A 138 5.30 25.39 -7.04
CA LEU A 138 4.63 25.53 -8.33
C LEU A 138 5.68 25.92 -9.36
N HIS A 139 6.47 26.94 -9.04
CA HIS A 139 7.51 27.41 -9.94
C HIS A 139 8.42 26.26 -10.33
N PHE A 140 8.86 25.50 -9.33
CA PHE A 140 9.73 24.35 -9.55
C PHE A 140 9.13 23.40 -10.58
N ALA A 141 7.86 23.06 -10.39
CA ALA A 141 7.14 22.15 -11.28
C ALA A 141 7.01 22.77 -12.68
N LYS A 142 6.62 24.03 -12.71
CA LYS A 142 6.44 24.76 -13.95
C LYS A 142 7.69 24.74 -14.84
N GLU A 143 8.87 24.80 -14.23
CA GLU A 143 10.09 24.80 -15.00
C GLU A 143 10.62 23.38 -15.34
N ASN A 144 10.21 22.35 -14.61
CA ASN A 144 10.67 21.00 -14.95
C ASN A 144 9.61 20.23 -15.74
N ASP A 145 8.49 20.88 -16.03
CA ASP A 145 7.37 20.28 -16.79
C ASP A 145 6.71 19.14 -16.01
N PHE A 146 6.32 19.44 -14.79
CA PHE A 146 5.68 18.49 -13.89
C PHE A 146 4.34 19.07 -13.52
N LYS A 147 3.39 18.19 -13.23
CA LYS A 147 2.04 18.60 -12.84
C LYS A 147 2.12 18.77 -11.32
N ALA A 148 1.18 19.52 -10.76
CA ALA A 148 1.17 19.74 -9.33
C ALA A 148 -0.22 19.50 -8.73
N PHE A 149 -0.30 18.49 -7.87
CA PHE A 149 -1.55 18.14 -7.20
C PHE A 149 -1.37 18.28 -5.70
N PHE A 150 -2.27 19.01 -5.04
CA PHE A 150 -2.16 19.22 -3.61
C PHE A 150 -3.14 18.46 -2.76
N ILE A 151 -2.67 17.99 -1.62
CA ILE A 151 -3.50 17.25 -0.69
C ILE A 151 -3.31 17.92 0.67
N GLU A 152 -4.37 18.57 1.15
CA GLU A 152 -4.32 19.25 2.43
C GLU A 152 -5.17 18.51 3.46
N SER A 153 -4.65 18.43 4.67
CA SER A 153 -5.35 17.75 5.74
C SER A 153 -5.68 18.78 6.81
N VAL A 154 -6.96 19.08 6.98
CA VAL A 154 -7.40 20.05 7.97
C VAL A 154 -8.17 19.35 9.08
N CYS A 155 -7.75 19.57 10.32
CA CYS A 155 -8.41 18.98 11.49
C CYS A 155 -8.02 19.70 12.76
N ASP A 156 -8.98 20.44 13.32
CA ASP A 156 -8.75 21.20 14.54
C ASP A 156 -9.42 20.55 15.74
N ASP A 157 -9.43 19.22 15.74
CA ASP A 157 -10.03 18.46 16.84
C ASP A 157 -8.91 18.10 17.81
N PRO A 158 -8.90 18.72 18.99
CA PRO A 158 -7.88 18.48 20.03
C PRO A 158 -7.71 17.01 20.40
N THR A 159 -8.81 16.27 20.40
CA THR A 159 -8.74 14.85 20.72
C THR A 159 -7.96 14.13 19.62
N VAL A 160 -8.25 14.44 18.37
CA VAL A 160 -7.56 13.82 17.24
C VAL A 160 -6.09 14.19 17.22
N VAL A 161 -5.80 15.49 17.27
CA VAL A 161 -4.43 15.97 17.26
C VAL A 161 -3.64 15.34 18.41
N ALA A 162 -4.25 15.33 19.59
CA ALA A 162 -3.62 14.77 20.77
C ALA A 162 -3.29 13.30 20.54
N SER A 163 -4.27 12.54 20.08
CA SER A 163 -4.10 11.13 19.81
C SER A 163 -2.98 10.91 18.80
N ASN A 164 -2.97 11.71 17.75
CA ASN A 164 -1.95 11.60 16.72
C ASN A 164 -0.56 11.81 17.30
N ILE A 165 -0.43 12.84 18.12
CA ILE A 165 0.85 13.16 18.76
C ILE A 165 1.38 11.96 19.54
N MET A 166 0.47 11.19 20.13
CA MET A 166 0.82 10.01 20.91
C MET A 166 1.22 8.82 20.04
N GLU A 167 0.45 8.58 18.98
CA GLU A 167 0.67 7.44 18.10
C GLU A 167 1.95 7.42 17.26
N VAL A 168 2.43 8.57 16.81
CA VAL A 168 3.62 8.59 15.97
C VAL A 168 4.68 9.66 16.24
N LYS A 169 4.51 10.44 17.31
CA LYS A 169 5.48 11.49 17.63
C LYS A 169 6.37 11.18 18.82
N ILE A 170 5.74 10.93 19.95
CA ILE A 170 6.42 10.63 21.22
C ILE A 170 7.47 9.49 21.13
N SER A 171 7.42 8.70 20.06
CA SER A 171 8.36 7.61 19.83
C SER A 171 9.36 7.93 18.70
N SER A 172 9.09 9.02 17.99
CA SER A 172 9.97 9.46 16.89
C SER A 172 11.42 9.51 17.37
N PRO A 173 12.38 9.36 16.44
CA PRO A 173 13.80 9.40 16.79
C PRO A 173 14.22 10.75 17.38
N ASP A 174 13.38 11.77 17.17
CA ASP A 174 13.66 13.10 17.69
C ASP A 174 13.53 13.10 19.21
N TYR A 175 12.60 12.32 19.73
CA TYR A 175 12.39 12.27 21.17
C TYR A 175 12.99 11.03 21.83
N LYS A 176 14.08 10.52 21.27
CA LYS A 176 14.74 9.34 21.81
C LYS A 176 15.09 9.51 23.29
N ASP A 177 15.28 10.75 23.71
CA ASP A 177 15.62 11.06 25.08
C ASP A 177 14.57 11.92 25.77
N CYS A 178 13.32 11.50 25.66
CA CYS A 178 12.21 12.23 26.26
C CYS A 178 11.10 11.28 26.70
N ASN A 179 10.30 11.73 27.66
CA ASN A 179 9.18 10.94 28.15
C ASN A 179 7.93 11.58 27.58
N SER A 180 6.80 10.89 27.70
CA SER A 180 5.54 11.40 27.17
C SER A 180 5.21 12.82 27.62
N ALA A 181 5.29 13.08 28.91
CA ALA A 181 4.97 14.38 29.47
C ALA A 181 5.67 15.57 28.82
N GLU A 182 6.96 15.42 28.54
CA GLU A 182 7.74 16.50 27.93
C GLU A 182 7.65 16.50 26.42
N ALA A 183 7.73 15.33 25.81
CA ALA A 183 7.65 15.23 24.36
C ALA A 183 6.33 15.82 23.90
N MET A 184 5.25 15.42 24.57
CA MET A 184 3.89 15.89 24.29
C MET A 184 3.80 17.40 24.37
N ASP A 185 4.62 18.01 25.19
CA ASP A 185 4.57 19.46 25.34
C ASP A 185 5.38 20.17 24.25
N ASP A 186 6.56 19.61 23.96
CA ASP A 186 7.44 20.16 22.93
C ASP A 186 6.76 20.15 21.56
N PHE A 187 5.99 19.10 21.27
CA PHE A 187 5.30 19.03 19.98
C PHE A 187 4.15 20.02 19.92
N MET A 188 3.50 20.24 21.06
CA MET A 188 2.40 21.19 21.09
C MET A 188 2.94 22.58 20.74
N LYS A 189 4.10 22.93 21.30
CA LYS A 189 4.72 24.23 21.03
C LYS A 189 5.14 24.29 19.58
N ARG A 190 5.63 23.16 19.09
CA ARG A 190 6.08 23.01 17.72
C ARG A 190 4.94 23.35 16.76
N ILE A 191 3.73 22.90 17.10
CA ILE A 191 2.55 23.16 16.28
C ILE A 191 2.19 24.64 16.29
N SER A 192 2.30 25.26 17.47
CA SER A 192 1.97 26.67 17.61
C SER A 192 2.87 27.54 16.75
N CYS A 193 4.06 27.03 16.42
CA CYS A 193 5.01 27.76 15.59
C CYS A 193 4.44 28.02 14.19
N TYR A 194 3.86 26.99 13.59
CA TYR A 194 3.32 27.12 12.24
C TYR A 194 1.97 27.80 12.15
N GLU A 195 1.26 27.85 13.25
CA GLU A 195 -0.08 28.42 13.27
C GLU A 195 -0.30 29.85 12.80
N ALA A 196 0.59 30.77 13.15
CA ALA A 196 0.43 32.16 12.76
C ALA A 196 0.47 32.37 11.25
N SER A 197 1.51 31.85 10.61
CA SER A 197 1.68 32.01 9.17
C SER A 197 0.97 30.98 8.31
N TYR A 198 0.20 30.10 8.94
CA TYR A 198 -0.52 29.08 8.20
C TYR A 198 -1.68 29.63 7.38
N GLN A 199 -1.62 29.42 6.08
CA GLN A 199 -2.64 29.87 5.13
C GLN A 199 -3.22 28.66 4.38
N PRO A 200 -4.32 28.08 4.88
CA PRO A 200 -4.91 26.93 4.20
C PRO A 200 -5.26 27.20 2.74
N LEU A 201 -5.46 26.13 1.97
CA LEU A 201 -5.80 26.27 0.56
C LEU A 201 -7.15 26.96 0.44
N ASP A 202 -7.27 27.79 -0.58
CA ASP A 202 -8.51 28.53 -0.83
C ASP A 202 -8.94 28.24 -2.26
N PRO A 203 -9.63 27.11 -2.48
CA PRO A 203 -10.11 26.69 -3.80
C PRO A 203 -11.17 27.60 -4.41
N ASP A 204 -11.68 28.54 -3.62
CA ASP A 204 -12.69 29.45 -4.12
C ASP A 204 -12.16 30.86 -4.30
N LYS A 205 -10.87 31.06 -4.06
CA LYS A 205 -10.27 32.38 -4.21
C LYS A 205 -8.85 32.36 -4.77
N CYS A 206 -7.87 32.40 -3.87
CA CYS A 206 -6.47 32.42 -4.29
C CYS A 206 -6.03 31.14 -5.00
N ASP A 207 -6.62 30.01 -4.62
CA ASP A 207 -6.26 28.72 -5.20
C ASP A 207 -7.24 28.13 -6.21
N ARG A 208 -8.06 28.98 -6.82
CA ARG A 208 -9.05 28.51 -7.80
C ARG A 208 -8.44 27.65 -8.91
N ASP A 209 -7.23 27.98 -9.33
CA ASP A 209 -6.59 27.24 -10.41
C ASP A 209 -5.80 26.00 -10.04
N LEU A 210 -5.54 25.81 -8.76
CA LEU A 210 -4.79 24.64 -8.32
C LEU A 210 -5.64 23.39 -8.25
N SER A 211 -5.08 22.26 -8.69
CA SER A 211 -5.77 20.98 -8.63
C SER A 211 -5.45 20.46 -7.23
N LEU A 212 -6.49 20.23 -6.43
CA LEU A 212 -6.25 19.81 -5.07
C LEU A 212 -7.43 19.13 -4.41
N ILE A 213 -7.13 18.41 -3.35
CA ILE A 213 -8.14 17.74 -2.56
C ILE A 213 -7.86 18.12 -1.12
N LYS A 214 -8.87 18.60 -0.42
CA LYS A 214 -8.72 19.01 0.97
C LYS A 214 -9.45 17.99 1.83
N VAL A 215 -8.69 17.20 2.59
CA VAL A 215 -9.29 16.19 3.47
C VAL A 215 -9.61 16.87 4.79
N ILE A 216 -10.89 16.82 5.18
CA ILE A 216 -11.34 17.47 6.41
C ILE A 216 -11.83 16.48 7.47
N ASP A 217 -11.41 16.70 8.71
CA ASP A 217 -11.78 15.84 9.83
C ASP A 217 -11.59 14.35 9.57
N VAL A 218 -10.38 14.00 9.16
CA VAL A 218 -10.02 12.62 8.87
C VAL A 218 -10.95 11.93 7.86
N GLY A 219 -11.29 12.63 6.80
CA GLY A 219 -12.14 12.05 5.77
C GLY A 219 -13.63 12.25 5.93
N ARG A 220 -14.03 13.06 6.90
CA ARG A 220 -15.43 13.33 7.14
C ARG A 220 -16.03 14.10 5.96
N ARG A 221 -15.23 14.98 5.37
CA ARG A 221 -15.65 15.78 4.24
C ARG A 221 -14.47 16.05 3.31
N PHE A 222 -14.77 16.22 2.02
CA PHE A 222 -13.73 16.49 1.04
C PHE A 222 -14.12 17.64 0.12
N LEU A 223 -13.12 18.39 -0.29
CA LEU A 223 -13.32 19.51 -1.21
C LEU A 223 -12.31 19.24 -2.33
N VAL A 224 -12.79 18.81 -3.48
CA VAL A 224 -11.91 18.47 -4.60
C VAL A 224 -11.95 19.56 -5.67
N ASN A 225 -10.79 19.95 -6.20
CA ASN A 225 -10.80 21.00 -7.20
C ASN A 225 -10.14 20.58 -8.50
N ARG A 226 -10.87 20.46 -9.60
CA ARG A 226 -10.28 20.11 -10.88
C ARG A 226 -10.12 18.62 -11.15
N VAL A 227 -8.88 18.17 -10.98
CA VAL A 227 -8.42 16.82 -11.23
C VAL A 227 -7.95 16.89 -12.70
N GLN A 228 -6.65 16.74 -12.95
CA GLN A 228 -6.10 16.90 -14.30
C GLN A 228 -5.99 15.63 -15.14
N ASP A 229 -5.99 14.48 -14.51
CA ASP A 229 -5.89 13.20 -15.23
C ASP A 229 -6.41 12.01 -14.43
N HIS A 230 -6.33 10.82 -15.01
CA HIS A 230 -6.81 9.62 -14.33
C HIS A 230 -5.98 9.30 -13.10
N ILE A 231 -4.69 9.60 -13.16
CA ILE A 231 -3.82 9.31 -12.02
C ILE A 231 -4.27 10.12 -10.81
N GLN A 232 -4.64 11.37 -11.02
CA GLN A 232 -5.12 12.22 -9.94
C GLN A 232 -6.50 11.77 -9.55
N SER A 233 -7.20 11.17 -10.51
CA SER A 233 -8.56 10.70 -10.28
C SER A 233 -8.54 9.54 -9.29
N ARG A 234 -7.63 8.60 -9.52
CA ARG A 234 -7.48 7.43 -8.65
C ARG A 234 -7.13 7.89 -7.25
N ILE A 235 -6.03 8.64 -7.14
CA ILE A 235 -5.58 9.15 -5.86
C ILE A 235 -6.73 9.69 -5.05
N VAL A 236 -7.57 10.48 -5.71
CA VAL A 236 -8.73 11.10 -5.10
C VAL A 236 -9.64 9.95 -4.57
N TYR A 237 -10.00 9.01 -5.44
CA TYR A 237 -10.85 7.86 -5.06
C TYR A 237 -10.33 7.13 -3.81
N TYR A 238 -9.03 6.86 -3.78
CA TYR A 238 -8.34 6.16 -2.69
C TYR A 238 -8.49 6.84 -1.33
N LEU A 239 -8.22 8.14 -1.26
CA LEU A 239 -8.31 8.88 -0.01
C LEU A 239 -9.73 8.88 0.56
N MET A 240 -10.71 8.85 -0.34
CA MET A 240 -12.09 8.84 0.10
C MET A 240 -12.55 7.48 0.58
N ASN A 241 -11.70 6.47 0.40
CA ASN A 241 -12.05 5.12 0.82
C ASN A 241 -11.27 4.55 1.99
N ILE A 242 -10.08 5.09 2.25
CA ILE A 242 -9.28 4.61 3.37
C ILE A 242 -9.84 5.27 4.63
N HIS A 243 -9.54 4.69 5.79
CA HIS A 243 -10.00 5.27 7.04
C HIS A 243 -9.00 4.91 8.13
N VAL A 244 -9.28 5.27 9.36
CA VAL A 244 -8.36 4.96 10.45
C VAL A 244 -8.97 4.26 11.66
N GLN A 245 -10.24 3.88 11.58
CA GLN A 245 -10.86 3.17 12.69
C GLN A 245 -10.14 1.84 12.88
N PRO A 246 -9.91 1.43 14.13
CA PRO A 246 -9.22 0.15 14.32
C PRO A 246 -10.07 -1.03 13.85
N ARG A 247 -9.42 -1.95 13.16
CA ARG A 247 -10.09 -3.14 12.65
C ARG A 247 -9.01 -4.17 12.37
N THR A 248 -9.41 -5.37 11.97
CA THR A 248 -8.46 -6.43 11.69
C THR A 248 -8.76 -7.12 10.37
N ILE A 249 -7.70 -7.51 9.66
CA ILE A 249 -7.83 -8.20 8.39
C ILE A 249 -7.09 -9.54 8.48
N TYR A 250 -7.84 -10.63 8.42
CA TYR A 250 -7.20 -11.94 8.47
C TYR A 250 -7.10 -12.50 7.07
N LEU A 251 -5.96 -13.11 6.75
CA LEU A 251 -5.75 -13.68 5.44
C LEU A 251 -5.28 -15.13 5.60
N CYS A 252 -5.81 -16.02 4.78
CA CYS A 252 -5.42 -17.42 4.82
C CYS A 252 -5.87 -18.08 3.53
N ARG A 253 -5.28 -19.24 3.24
CA ARG A 253 -5.63 -19.99 2.03
C ARG A 253 -6.70 -21.01 2.38
N HIS A 254 -7.23 -21.66 1.35
CA HIS A 254 -8.24 -22.70 1.51
C HIS A 254 -7.59 -23.86 2.24
N GLY A 255 -8.40 -24.72 2.83
CA GLY A 255 -7.83 -25.88 3.51
C GLY A 255 -7.18 -26.72 2.43
N GLU A 256 -6.25 -27.59 2.81
CA GLU A 256 -5.56 -28.45 1.85
C GLU A 256 -6.57 -29.12 0.92
N ASN A 257 -6.19 -29.36 -0.32
CA ASN A 257 -7.09 -30.00 -1.28
C ASN A 257 -6.41 -31.09 -2.10
N GLU A 258 -7.21 -31.91 -2.75
CA GLU A 258 -6.71 -33.02 -3.56
C GLU A 258 -5.50 -32.64 -4.42
N HIS A 259 -5.61 -31.53 -5.16
CA HIS A 259 -4.50 -31.10 -6.02
C HIS A 259 -3.23 -30.83 -5.22
N ASN A 260 -3.38 -30.29 -4.02
CA ASN A 260 -2.24 -30.01 -3.16
C ASN A 260 -1.47 -31.30 -2.89
N LEU A 261 -2.23 -32.35 -2.58
CA LEU A 261 -1.65 -33.66 -2.30
C LEU A 261 -0.91 -34.20 -3.53
N GLN A 262 -1.52 -34.06 -4.70
CA GLN A 262 -0.88 -34.52 -5.93
C GLN A 262 0.15 -33.53 -6.45
N GLY A 263 0.26 -32.39 -5.78
CA GLY A 263 1.19 -31.38 -6.23
C GLY A 263 0.82 -30.82 -7.59
N ARG A 264 -0.47 -30.72 -7.86
CA ARG A 264 -0.94 -30.19 -9.14
C ARG A 264 -1.40 -28.75 -8.96
N ILE A 265 -1.03 -27.89 -9.89
CA ILE A 265 -1.42 -26.48 -9.81
C ILE A 265 -2.78 -26.21 -10.42
N GLY A 266 -3.35 -25.05 -10.09
CA GLY A 266 -4.64 -24.67 -10.61
C GLY A 266 -5.74 -25.66 -10.29
N GLY A 267 -6.67 -25.83 -11.23
CA GLY A 267 -7.77 -26.76 -11.00
C GLY A 267 -8.76 -26.23 -9.99
N ASP A 268 -9.82 -26.99 -9.72
CA ASP A 268 -10.83 -26.60 -8.76
C ASP A 268 -11.26 -27.79 -7.90
N SER A 269 -10.29 -28.36 -7.19
CA SER A 269 -10.55 -29.53 -6.34
C SER A 269 -11.13 -29.20 -4.96
N GLY A 270 -11.54 -30.24 -4.24
CA GLY A 270 -12.12 -30.05 -2.93
C GLY A 270 -11.17 -30.36 -1.79
N LEU A 271 -11.54 -29.88 -0.60
CA LEU A 271 -10.74 -30.10 0.59
C LEU A 271 -10.43 -31.57 0.82
N SER A 272 -9.31 -31.84 1.49
CA SER A 272 -8.92 -33.20 1.81
C SER A 272 -9.44 -33.40 3.23
N SER A 273 -9.16 -34.55 3.83
CA SER A 273 -9.61 -34.81 5.18
C SER A 273 -8.97 -33.79 6.12
N ARG A 274 -7.73 -33.43 5.83
CA ARG A 274 -7.01 -32.46 6.64
C ARG A 274 -7.58 -31.07 6.37
N GLY A 275 -7.77 -30.76 5.08
CA GLY A 275 -8.32 -29.49 4.68
C GLY A 275 -9.58 -29.17 5.47
N LYS A 276 -10.45 -30.16 5.60
CA LYS A 276 -11.69 -29.96 6.34
C LYS A 276 -11.36 -29.76 7.81
N LYS A 277 -10.41 -30.55 8.31
CA LYS A 277 -10.00 -30.42 9.71
C LYS A 277 -9.59 -28.98 9.95
N PHE A 278 -8.77 -28.44 9.04
CA PHE A 278 -8.31 -27.05 9.14
C PHE A 278 -9.49 -26.08 9.15
N ALA A 279 -10.46 -26.36 8.28
CA ALA A 279 -11.65 -25.53 8.18
C ALA A 279 -12.35 -25.51 9.52
N SER A 280 -12.28 -26.62 10.22
CA SER A 280 -12.92 -26.70 11.52
C SER A 280 -12.15 -25.87 12.53
N ALA A 281 -10.82 -25.93 12.46
CA ALA A 281 -9.98 -25.17 13.37
C ALA A 281 -10.19 -23.68 13.14
N LEU A 282 -10.31 -23.29 11.88
CA LEU A 282 -10.50 -21.89 11.55
C LEU A 282 -11.75 -21.37 12.23
N SER A 283 -12.77 -22.22 12.30
CA SER A 283 -14.01 -21.83 12.94
C SER A 283 -13.73 -21.52 14.40
N LYS A 284 -12.99 -22.40 15.07
CA LYS A 284 -12.66 -22.19 16.47
C LYS A 284 -11.87 -20.89 16.62
N PHE A 285 -10.97 -20.63 15.68
CA PHE A 285 -10.15 -19.42 15.72
C PHE A 285 -11.01 -18.16 15.65
N VAL A 286 -11.83 -18.06 14.61
CA VAL A 286 -12.70 -16.90 14.43
C VAL A 286 -13.52 -16.72 15.70
N GLU A 287 -14.04 -17.82 16.21
CA GLU A 287 -14.85 -17.81 17.41
C GLU A 287 -14.12 -17.16 18.59
N GLU A 288 -12.90 -17.61 18.86
CA GLU A 288 -12.12 -17.07 19.97
C GLU A 288 -11.52 -15.69 19.72
N GLN A 289 -11.89 -15.07 18.60
CA GLN A 289 -11.38 -13.74 18.29
C GLN A 289 -12.29 -12.68 18.89
N ASN A 290 -13.51 -13.09 19.23
CA ASN A 290 -14.47 -12.18 19.85
C ASN A 290 -14.71 -10.90 19.06
N LEU A 291 -14.95 -11.04 17.76
CA LEU A 291 -15.19 -9.89 16.90
C LEU A 291 -16.68 -9.57 16.81
N LYS A 292 -17.02 -8.31 17.09
CA LYS A 292 -18.42 -7.87 17.04
C LYS A 292 -19.00 -8.18 15.66
N ASP A 293 -18.21 -7.88 14.63
CA ASP A 293 -18.61 -8.14 13.25
C ASP A 293 -17.44 -8.69 12.50
N LEU A 294 -17.72 -9.39 11.40
CA LEU A 294 -16.68 -9.96 10.58
C LEU A 294 -17.23 -10.38 9.23
N ARG A 295 -16.61 -9.88 8.16
CA ARG A 295 -17.04 -10.24 6.83
C ARG A 295 -16.13 -11.35 6.33
N VAL A 296 -16.68 -12.26 5.54
CA VAL A 296 -15.89 -13.36 5.00
C VAL A 296 -15.94 -13.31 3.49
N TRP A 297 -14.77 -13.31 2.85
CA TRP A 297 -14.72 -13.30 1.40
C TRP A 297 -13.96 -14.53 0.94
N THR A 298 -14.43 -15.14 -0.15
CA THR A 298 -13.76 -16.30 -0.68
C THR A 298 -13.62 -16.08 -2.17
N SER A 299 -13.07 -17.05 -2.88
CA SER A 299 -12.93 -16.97 -4.32
C SER A 299 -14.14 -17.74 -4.81
N GLN A 300 -14.16 -18.12 -6.07
CA GLN A 300 -15.30 -18.89 -6.58
C GLN A 300 -14.91 -20.34 -6.77
N LEU A 301 -13.71 -20.69 -6.30
CA LEU A 301 -13.22 -22.06 -6.41
C LEU A 301 -13.71 -22.83 -5.19
N LYS A 302 -14.07 -24.10 -5.42
CA LYS A 302 -14.60 -24.97 -4.38
C LYS A 302 -13.91 -25.01 -3.03
N SER A 303 -12.59 -25.18 -3.04
CA SER A 303 -11.83 -25.27 -1.80
C SER A 303 -11.99 -24.10 -0.84
N THR A 304 -12.03 -22.87 -1.34
CA THR A 304 -12.18 -21.73 -0.42
C THR A 304 -13.59 -21.66 0.14
N ILE A 305 -14.57 -22.04 -0.68
CA ILE A 305 -15.96 -22.01 -0.25
C ILE A 305 -16.23 -23.08 0.81
N GLN A 306 -15.71 -24.29 0.59
CA GLN A 306 -15.90 -25.38 1.55
C GLN A 306 -15.35 -24.92 2.89
N THR A 307 -14.19 -24.27 2.87
CA THR A 307 -13.56 -23.76 4.08
C THR A 307 -14.46 -22.75 4.79
N ALA A 308 -14.97 -21.77 4.06
CA ALA A 308 -15.83 -20.73 4.62
C ALA A 308 -17.11 -21.31 5.21
N GLU A 309 -17.63 -22.35 4.56
CA GLU A 309 -18.84 -23.00 5.02
C GLU A 309 -18.72 -23.49 6.46
N ALA A 310 -17.52 -23.98 6.80
CA ALA A 310 -17.25 -24.49 8.13
C ALA A 310 -17.38 -23.43 9.23
N LEU A 311 -17.46 -22.16 8.86
CA LEU A 311 -17.57 -21.08 9.83
C LEU A 311 -19.01 -20.77 10.20
N ARG A 312 -19.95 -21.23 9.39
CA ARG A 312 -21.37 -20.99 9.64
C ARG A 312 -21.65 -19.49 9.70
N LEU A 313 -20.90 -18.73 8.90
CA LEU A 313 -21.04 -17.28 8.81
C LEU A 313 -21.33 -16.90 7.37
N PRO A 314 -22.15 -15.86 7.14
CA PRO A 314 -22.43 -15.48 5.76
C PRO A 314 -21.15 -14.97 5.10
N TYR A 315 -20.89 -15.42 3.88
CA TYR A 315 -19.70 -15.01 3.17
C TYR A 315 -20.02 -14.55 1.76
N GLU A 316 -19.03 -13.96 1.09
CA GLU A 316 -19.23 -13.46 -0.25
C GLU A 316 -18.15 -13.97 -1.19
N GLN A 317 -18.54 -14.38 -2.40
CA GLN A 317 -17.57 -14.90 -3.35
C GLN A 317 -17.12 -13.84 -4.33
N TRP A 318 -15.80 -13.81 -4.60
CA TRP A 318 -15.21 -12.86 -5.54
C TRP A 318 -14.45 -13.64 -6.59
N LYS A 319 -14.77 -13.42 -7.86
CA LYS A 319 -14.06 -14.11 -8.91
C LYS A 319 -12.64 -13.57 -8.98
N ALA A 320 -12.43 -12.36 -8.50
CA ALA A 320 -11.11 -11.74 -8.52
C ALA A 320 -10.14 -12.43 -7.57
N LEU A 321 -10.69 -13.22 -6.63
CA LEU A 321 -9.87 -13.92 -5.67
C LEU A 321 -9.47 -15.32 -6.12
N ASN A 322 -9.91 -15.73 -7.31
CA ASN A 322 -9.55 -17.05 -7.81
C ASN A 322 -8.06 -17.11 -7.99
N GLU A 323 -7.47 -18.28 -7.77
CA GLU A 323 -6.03 -18.43 -7.92
C GLU A 323 -5.59 -18.01 -9.32
N ILE A 324 -4.31 -17.68 -9.47
CA ILE A 324 -3.76 -17.27 -10.74
C ILE A 324 -4.11 -18.31 -11.81
N ASP A 325 -4.33 -17.87 -13.04
CA ASP A 325 -4.68 -18.82 -14.09
C ASP A 325 -3.41 -19.38 -14.72
N ALA A 326 -3.20 -20.68 -14.56
CA ALA A 326 -2.00 -21.32 -15.10
C ALA A 326 -2.03 -21.58 -16.61
N GLY A 327 -3.12 -21.19 -17.26
CA GLY A 327 -3.21 -21.39 -18.70
C GLY A 327 -3.20 -22.84 -19.14
N VAL A 328 -2.37 -23.17 -20.13
CA VAL A 328 -2.30 -24.54 -20.64
C VAL A 328 -1.65 -25.50 -19.65
N CYS A 329 -1.20 -24.97 -18.52
CA CYS A 329 -0.54 -25.79 -17.49
C CYS A 329 -1.44 -26.18 -16.33
N GLU A 330 -2.68 -25.70 -16.36
CA GLU A 330 -3.64 -26.02 -15.31
C GLU A 330 -3.69 -27.52 -15.08
N GLU A 331 -3.95 -27.93 -13.84
CA GLU A 331 -4.09 -29.34 -13.51
C GLU A 331 -2.78 -30.12 -13.54
N LEU A 332 -1.73 -29.51 -14.09
CA LEU A 332 -0.44 -30.16 -14.18
C LEU A 332 0.36 -30.09 -12.89
N THR A 333 1.42 -30.89 -12.82
CA THR A 333 2.33 -30.90 -11.68
C THR A 333 3.58 -30.19 -12.19
N TYR A 334 4.33 -29.55 -11.31
CA TYR A 334 5.52 -28.85 -11.75
C TYR A 334 6.45 -29.76 -12.54
N GLU A 335 6.57 -31.01 -12.11
CA GLU A 335 7.40 -31.99 -12.79
C GLU A 335 6.91 -32.07 -14.24
N GLU A 336 5.61 -32.30 -14.42
CA GLU A 336 5.02 -32.39 -15.75
C GLU A 336 5.32 -31.15 -16.60
N ILE A 337 5.20 -29.96 -16.00
CA ILE A 337 5.47 -28.72 -16.72
C ILE A 337 6.92 -28.69 -17.16
N ARG A 338 7.81 -28.93 -16.19
CA ARG A 338 9.25 -28.96 -16.43
C ARG A 338 9.57 -29.83 -17.65
N ASP A 339 8.92 -30.98 -17.74
CA ASP A 339 9.15 -31.89 -18.85
C ASP A 339 8.41 -31.48 -20.12
N THR A 340 7.10 -31.32 -20.01
CA THR A 340 6.27 -30.94 -21.16
C THR A 340 6.61 -29.58 -21.74
N TYR A 341 6.62 -28.55 -20.91
CA TYR A 341 6.95 -27.20 -21.38
C TYR A 341 8.24 -26.71 -20.74
N PRO A 342 9.37 -27.39 -21.02
CA PRO A 342 10.65 -26.98 -20.44
C PRO A 342 10.98 -25.51 -20.61
N GLU A 343 11.12 -25.05 -21.84
CA GLU A 343 11.43 -23.65 -22.11
C GLU A 343 10.57 -22.69 -21.27
N GLU A 344 9.28 -23.01 -21.14
CA GLU A 344 8.35 -22.19 -20.36
C GLU A 344 8.68 -22.24 -18.88
N TYR A 345 9.00 -23.42 -18.39
CA TYR A 345 9.33 -23.60 -16.99
C TYR A 345 10.54 -22.75 -16.63
N ALA A 346 11.42 -22.55 -17.60
CA ALA A 346 12.61 -21.74 -17.38
C ALA A 346 12.30 -20.25 -17.41
N LEU A 347 11.49 -19.84 -18.38
CA LEU A 347 11.11 -18.43 -18.51
C LEU A 347 10.43 -17.92 -17.25
N ARG A 348 9.77 -18.82 -16.53
CA ARG A 348 9.08 -18.44 -15.32
C ARG A 348 10.01 -18.28 -14.13
N GLU A 349 10.97 -19.19 -13.99
CA GLU A 349 11.92 -19.11 -12.89
C GLU A 349 12.82 -17.89 -12.99
N GLN A 350 13.05 -17.42 -14.22
CA GLN A 350 13.92 -16.26 -14.41
C GLN A 350 13.19 -14.93 -14.26
N ASP A 351 11.86 -14.96 -14.22
CA ASP A 351 11.10 -13.72 -14.11
C ASP A 351 9.69 -14.05 -13.62
N LYS A 352 9.60 -14.64 -12.43
CA LYS A 352 8.32 -15.05 -11.85
C LYS A 352 7.21 -14.03 -11.75
N TYR A 353 7.55 -12.74 -11.63
CA TYR A 353 6.50 -11.72 -11.53
C TYR A 353 5.85 -11.42 -12.86
N TYR A 354 6.66 -11.07 -13.86
CA TYR A 354 6.14 -10.72 -15.18
C TYR A 354 5.74 -11.90 -16.08
N TYR A 355 6.34 -13.06 -15.84
CA TYR A 355 6.02 -14.23 -16.63
C TYR A 355 4.52 -14.50 -16.65
N ARG A 356 3.98 -14.76 -17.83
CA ARG A 356 2.56 -15.06 -17.98
C ARG A 356 2.41 -16.44 -18.64
N TYR A 357 1.59 -17.31 -18.05
CA TYR A 357 1.36 -18.64 -18.60
C TYR A 357 0.67 -18.55 -19.97
N PRO A 358 0.97 -19.48 -20.89
CA PRO A 358 0.35 -19.44 -22.21
C PRO A 358 -1.16 -19.47 -22.05
N THR A 359 -1.82 -18.40 -22.53
CA THR A 359 -3.27 -18.25 -22.44
C THR A 359 -3.69 -18.10 -20.97
N GLY A 360 -2.70 -17.82 -20.11
CA GLY A 360 -2.94 -17.64 -18.69
C GLY A 360 -2.51 -16.28 -18.17
N GLU A 361 -2.23 -16.17 -16.88
CA GLU A 361 -1.83 -14.89 -16.30
C GLU A 361 -0.44 -14.87 -15.69
N SER A 362 -0.09 -13.69 -15.17
CA SER A 362 1.19 -13.44 -14.51
C SER A 362 0.84 -12.81 -13.17
N TYR A 363 1.82 -12.67 -12.29
CA TYR A 363 1.56 -12.05 -11.00
C TYR A 363 1.11 -10.62 -11.26
N GLN A 364 1.63 -10.02 -12.33
CA GLN A 364 1.26 -8.67 -12.68
C GLN A 364 -0.24 -8.60 -12.96
N ASP A 365 -0.76 -9.62 -13.64
CA ASP A 365 -2.18 -9.68 -13.97
C ASP A 365 -3.04 -9.79 -12.71
N LEU A 366 -2.54 -10.51 -11.72
CA LEU A 366 -3.24 -10.69 -10.45
C LEU A 366 -3.41 -9.37 -9.74
N VAL A 367 -2.35 -8.56 -9.75
CA VAL A 367 -2.39 -7.26 -9.10
C VAL A 367 -3.47 -6.39 -9.71
N GLN A 368 -3.59 -6.42 -11.03
CA GLN A 368 -4.60 -5.60 -11.68
C GLN A 368 -5.96 -6.15 -11.39
N ARG A 369 -6.03 -7.47 -11.20
CA ARG A 369 -7.27 -8.15 -10.92
C ARG A 369 -7.73 -7.96 -9.47
N LEU A 370 -6.78 -7.74 -8.58
CA LEU A 370 -7.06 -7.59 -7.16
C LEU A 370 -7.28 -6.16 -6.67
N GLU A 371 -6.97 -5.18 -7.51
CA GLU A 371 -7.14 -3.78 -7.16
C GLU A 371 -8.50 -3.54 -6.50
N PRO A 372 -9.59 -4.01 -7.11
CA PRO A 372 -10.90 -3.78 -6.49
C PRO A 372 -11.04 -4.39 -5.09
N VAL A 373 -10.37 -5.52 -4.86
CA VAL A 373 -10.43 -6.18 -3.55
C VAL A 373 -9.74 -5.31 -2.51
N ILE A 374 -8.55 -4.83 -2.86
CA ILE A 374 -7.78 -3.96 -1.98
C ILE A 374 -8.59 -2.71 -1.62
N MET A 375 -9.22 -2.10 -2.63
CA MET A 375 -9.98 -0.89 -2.41
C MET A 375 -11.14 -1.13 -1.48
N GLU A 376 -11.70 -2.32 -1.53
CA GLU A 376 -12.82 -2.66 -0.68
C GLU A 376 -12.35 -3.00 0.73
N LEU A 377 -11.16 -3.61 0.84
CA LEU A 377 -10.63 -3.95 2.16
C LEU A 377 -10.34 -2.67 2.94
N GLU A 378 -9.95 -1.61 2.24
CA GLU A 378 -9.67 -0.32 2.87
C GLU A 378 -10.96 0.29 3.41
N ARG A 379 -12.08 0.00 2.73
CA ARG A 379 -13.38 0.53 3.15
C ARG A 379 -14.00 -0.22 4.31
N GLN A 380 -13.73 -1.52 4.38
CA GLN A 380 -14.31 -2.36 5.41
C GLN A 380 -13.62 -2.29 6.77
N GLU A 381 -14.21 -2.98 7.74
CA GLU A 381 -13.66 -3.03 9.11
C GLU A 381 -12.89 -4.35 9.25
N ASN A 382 -13.51 -5.34 9.89
CA ASN A 382 -12.89 -6.64 10.07
C ASN A 382 -13.26 -7.54 8.89
N VAL A 383 -12.26 -8.11 8.24
CA VAL A 383 -12.53 -8.97 7.09
C VAL A 383 -11.66 -10.22 7.03
N LEU A 384 -12.29 -11.37 6.80
CA LEU A 384 -11.55 -12.61 6.67
C LEU A 384 -11.55 -12.98 5.20
N VAL A 385 -10.36 -13.11 4.63
CA VAL A 385 -10.24 -13.45 3.22
C VAL A 385 -9.60 -14.83 3.08
N ILE A 386 -10.39 -15.78 2.58
CA ILE A 386 -9.90 -17.14 2.36
C ILE A 386 -9.59 -17.25 0.87
N CYS A 387 -8.31 -17.30 0.51
CA CYS A 387 -7.95 -17.38 -0.90
C CYS A 387 -6.93 -18.44 -1.32
N HIS A 388 -6.03 -18.08 -2.22
CA HIS A 388 -5.03 -19.00 -2.74
C HIS A 388 -3.62 -18.47 -2.59
N GLN A 389 -2.63 -19.34 -2.74
CA GLN A 389 -1.24 -18.94 -2.58
C GLN A 389 -0.83 -17.66 -3.32
N ALA A 390 -0.76 -17.70 -4.65
CA ALA A 390 -0.37 -16.52 -5.42
C ALA A 390 -1.22 -15.29 -5.10
N VAL A 391 -2.53 -15.48 -5.02
CA VAL A 391 -3.45 -14.40 -4.70
C VAL A 391 -3.08 -13.79 -3.35
N LEU A 392 -2.88 -14.65 -2.35
CA LEU A 392 -2.52 -14.21 -1.01
C LEU A 392 -1.22 -13.42 -1.00
N ARG A 393 -0.25 -13.86 -1.79
CA ARG A 393 1.02 -13.14 -1.85
C ARG A 393 0.75 -11.72 -2.29
N CYS A 394 0.00 -11.58 -3.38
CA CYS A 394 -0.32 -10.27 -3.92
C CYS A 394 -0.87 -9.31 -2.87
N LEU A 395 -1.92 -9.73 -2.18
CA LEU A 395 -2.53 -8.91 -1.16
C LEU A 395 -1.54 -8.58 -0.05
N LEU A 396 -0.81 -9.59 0.40
CA LEU A 396 0.18 -9.42 1.47
C LEU A 396 1.25 -8.44 1.06
N ALA A 397 1.66 -8.51 -0.20
CA ALA A 397 2.68 -7.61 -0.71
C ALA A 397 2.21 -6.16 -0.58
N TYR A 398 0.89 -5.96 -0.70
CA TYR A 398 0.31 -4.63 -0.58
C TYR A 398 0.37 -4.14 0.85
N PHE A 399 -0.17 -4.93 1.78
CA PHE A 399 -0.17 -4.52 3.16
C PHE A 399 1.20 -4.40 3.82
N LEU A 400 2.15 -5.21 3.38
CA LEU A 400 3.50 -5.19 3.96
C LEU A 400 4.53 -4.51 3.08
N ASP A 401 4.04 -3.86 2.02
CA ASP A 401 4.88 -3.12 1.07
C ASP A 401 6.05 -3.95 0.55
N LYS A 402 5.76 -5.04 -0.14
CA LYS A 402 6.80 -5.90 -0.68
C LYS A 402 6.92 -5.69 -2.20
N SER A 403 8.13 -5.42 -2.65
CA SER A 403 8.42 -5.19 -4.07
C SER A 403 7.87 -6.30 -4.94
N ALA A 404 7.73 -5.99 -6.23
CA ALA A 404 7.23 -6.96 -7.20
C ALA A 404 8.23 -8.10 -7.34
N GLU A 405 9.47 -7.87 -6.97
CA GLU A 405 10.49 -8.91 -7.08
C GLU A 405 10.32 -9.97 -6.01
N GLU A 406 9.95 -9.55 -4.80
CA GLU A 406 9.79 -10.49 -3.70
C GLU A 406 8.37 -11.04 -3.55
N MET A 407 7.41 -10.37 -4.16
CA MET A 407 6.01 -10.79 -4.07
C MET A 407 5.81 -12.25 -4.44
N PRO A 408 6.25 -12.65 -5.65
CA PRO A 408 6.06 -14.05 -6.07
C PRO A 408 6.77 -15.11 -5.24
N TYR A 409 7.51 -14.69 -4.21
CA TYR A 409 8.22 -15.64 -3.36
C TYR A 409 7.88 -15.54 -1.88
N LEU A 410 6.97 -14.65 -1.52
CA LEU A 410 6.61 -14.54 -0.11
C LEU A 410 6.10 -15.90 0.37
N LYS A 411 6.32 -16.20 1.64
CA LYS A 411 5.89 -17.48 2.17
C LYS A 411 4.50 -17.38 2.76
N CYS A 412 3.55 -18.05 2.10
CA CYS A 412 2.16 -18.06 2.53
C CYS A 412 1.68 -19.51 2.58
N PRO A 413 2.11 -20.25 3.62
CA PRO A 413 1.80 -21.66 3.88
C PRO A 413 0.33 -21.99 4.14
N LEU A 414 -0.01 -23.25 3.94
CA LEU A 414 -1.37 -23.73 4.15
C LEU A 414 -1.68 -23.78 5.65
N HIS A 415 -2.96 -23.66 6.00
CA HIS A 415 -3.43 -23.71 7.38
C HIS A 415 -2.90 -22.64 8.32
N THR A 416 -2.43 -21.54 7.77
CA THR A 416 -1.89 -20.45 8.58
C THR A 416 -2.69 -19.16 8.38
N VAL A 417 -3.08 -18.52 9.48
CA VAL A 417 -3.82 -17.27 9.41
C VAL A 417 -2.91 -16.08 9.64
N LEU A 418 -2.85 -15.15 8.68
CA LEU A 418 -2.04 -13.96 8.86
C LEU A 418 -2.96 -12.89 9.42
N LYS A 419 -2.64 -12.41 10.62
CA LYS A 419 -3.45 -11.40 11.27
C LYS A 419 -2.80 -10.03 11.09
N LEU A 420 -3.39 -9.22 10.23
CA LEU A 420 -2.88 -7.88 9.94
C LEU A 420 -3.62 -6.81 10.73
N THR A 421 -2.89 -6.03 11.54
CA THR A 421 -3.50 -4.97 12.34
C THR A 421 -2.83 -3.62 12.09
N PRO A 422 -3.63 -2.54 12.07
CA PRO A 422 -3.10 -1.19 11.85
C PRO A 422 -2.29 -0.67 13.01
N VAL A 423 -1.09 -0.18 12.72
CA VAL A 423 -0.22 0.36 13.76
C VAL A 423 0.72 1.40 13.16
N ALA A 424 0.81 2.55 13.83
CA ALA A 424 1.67 3.65 13.39
C ALA A 424 1.42 4.04 11.94
N TYR A 425 2.42 3.87 11.08
CA TYR A 425 2.25 4.24 9.68
C TYR A 425 1.94 3.07 8.75
N GLY A 426 2.07 1.85 9.25
CA GLY A 426 1.79 0.69 8.43
C GLY A 426 0.91 -0.39 9.04
N CYS A 427 1.19 -1.63 8.67
CA CYS A 427 0.45 -2.79 9.16
C CYS A 427 1.34 -3.77 9.91
N ARG A 428 0.83 -4.26 11.03
CA ARG A 428 1.52 -5.23 11.86
C ARG A 428 1.02 -6.61 11.45
N VAL A 429 1.92 -7.59 11.34
CA VAL A 429 1.52 -8.93 10.96
C VAL A 429 1.80 -9.97 12.05
N GLU A 430 0.88 -10.91 12.21
CA GLU A 430 1.02 -11.98 13.17
C GLU A 430 0.65 -13.29 12.46
N SER A 431 1.51 -14.28 12.53
CA SER A 431 1.22 -15.55 11.89
C SER A 431 0.61 -16.47 12.92
N ILE A 432 -0.38 -17.25 12.50
CA ILE A 432 -1.04 -18.15 13.41
C ILE A 432 -1.37 -19.45 12.72
N TYR A 433 -0.55 -20.46 12.98
CA TYR A 433 -0.74 -21.78 12.39
C TYR A 433 -1.81 -22.50 13.21
N LEU A 434 -2.90 -22.89 12.57
CA LEU A 434 -3.99 -23.55 13.28
C LEU A 434 -3.76 -25.01 13.67
N ASN A 435 -2.49 -25.38 13.75
CA ASN A 435 -2.10 -26.72 14.16
C ASN A 435 -2.78 -27.88 13.43
N VAL A 436 -2.58 -27.96 12.13
CA VAL A 436 -3.15 -29.03 11.32
C VAL A 436 -2.22 -29.31 10.15
N GLU A 437 -1.74 -30.54 10.05
CA GLU A 437 -0.82 -30.92 8.98
C GLU A 437 -1.39 -30.66 7.59
N SER A 438 -0.47 -30.60 6.61
CA SER A 438 -0.81 -30.37 5.21
C SER A 438 0.49 -30.40 4.43
N VAL A 439 0.39 -30.62 3.12
CA VAL A 439 1.59 -30.63 2.28
C VAL A 439 2.15 -29.21 2.27
N CYS A 440 3.30 -29.03 1.64
CA CYS A 440 3.91 -27.71 1.54
C CYS A 440 3.99 -27.33 0.07
N THR A 441 3.29 -26.26 -0.30
CA THR A 441 3.27 -25.81 -1.69
C THR A 441 4.22 -24.67 -2.00
N HIS A 442 5.16 -24.40 -1.10
CA HIS A 442 6.11 -23.32 -1.30
C HIS A 442 7.36 -23.79 -2.03
N ARG A 443 7.90 -22.94 -2.89
CA ARG A 443 9.09 -23.28 -3.64
C ARG A 443 9.92 -22.06 -4.01
N GLU A 444 11.17 -22.04 -3.54
CA GLU A 444 12.08 -20.93 -3.79
C GLU A 444 12.61 -20.85 -5.22
N ARG A 445 13.43 -19.85 -5.46
CA ARG A 445 14.04 -19.63 -6.77
C ARG A 445 15.16 -20.65 -6.91
N SER A 446 15.40 -21.10 -8.14
CA SER A 446 16.45 -22.09 -8.38
C SER A 446 17.03 -21.97 -9.78
O1 F6P B . 6.18 19.08 11.94
C1 F6P B . 7.59 18.83 11.94
C2 F6P B . 8.07 18.56 10.50
O2 F6P B . 7.36 17.43 9.96
C3 F6P B . 9.61 18.30 10.52
O3 F6P B . 9.95 16.91 10.57
C4 F6P B . 10.09 19.00 9.24
O4 F6P B . 11.49 19.34 9.26
C5 F6P B . 9.15 20.23 9.21
O5 F6P B . 7.86 19.73 9.68
C6 F6P B . 9.07 20.82 7.79
O6 F6P B . 8.21 21.98 7.77
P F6P B . 8.25 22.55 6.27
O1P F6P B . 7.74 21.52 5.34
O2P F6P B . 7.32 23.86 6.12
O3P F6P B . 9.77 22.92 5.88
O1 F6P C . -0.49 -24.60 -4.29
C1 F6P C . -1.04 -24.66 -5.60
C2 F6P C . -1.28 -23.24 -6.12
O2 F6P C . -2.14 -22.51 -5.26
C3 F6P C . -1.85 -23.36 -7.56
O3 F6P C . -3.28 -23.29 -7.60
C4 F6P C . -1.12 -22.21 -8.27
O4 F6P C . -1.13 -22.38 -9.68
C5 F6P C . 0.24 -22.35 -7.63
O5 F6P C . -0.02 -22.58 -6.25
C6 F6P C . 1.14 -21.13 -7.88
O6 F6P C . 2.37 -21.43 -7.23
P F6P C . 3.41 -20.25 -7.51
O1P F6P C . 2.88 -18.96 -7.05
O2P F6P C . 4.78 -20.58 -6.77
O3P F6P C . 3.69 -20.18 -9.07
MG MG D . 5.49 13.87 8.95
PG ACP E . 4.54 16.35 11.02
O1G ACP E . 4.68 16.93 12.40
O2G ACP E . 5.58 15.31 10.79
O3G ACP E . 4.62 17.58 9.69
PB ACP E . 2.19 14.83 10.15
O1B ACP E . 1.09 15.77 9.82
O2B ACP E . 2.98 14.35 9.00
C3B ACP E . 3.10 15.59 11.19
PA ACP E . 1.69 11.97 10.65
O1A ACP E . 1.49 11.39 9.30
O2A ACP E . 2.96 11.83 11.38
O3A ACP E . 1.36 13.63 10.72
O5' ACP E . 0.43 11.47 11.48
C5' ACP E . 0.10 10.11 11.58
C4' ACP E . -1.15 10.06 12.47
O4' ACP E . -2.19 10.81 11.91
C3' ACP E . -1.72 8.66 12.74
O3' ACP E . -2.13 8.60 14.09
C2' ACP E . -2.93 8.59 11.82
O2' ACP E . -3.96 7.67 12.21
C1' ACP E . -3.37 10.08 11.81
N9 ACP E . -4.05 10.46 10.55
C8 ACP E . -4.11 9.87 9.29
N7 ACP E . -4.81 10.46 8.33
C5 ACP E . -5.29 11.54 9.02
C6 ACP E . -6.11 12.65 8.65
N6 ACP E . -6.64 12.75 7.30
N1 ACP E . -6.42 13.61 9.58
C2 ACP E . -5.92 13.53 10.87
N3 ACP E . -5.12 12.54 11.36
C4 ACP E . -4.83 11.58 10.39
#